data_8JGP
#
_entry.id   8JGP
#
_cell.length_a   168.250
_cell.length_b   168.250
_cell.length_c   39.840
_cell.angle_alpha   90.00
_cell.angle_beta   90.00
_cell.angle_gamma   120.00
#
_symmetry.space_group_name_H-M   'P 61'
#
loop_
_entity.id
_entity.type
_entity.pdbx_description
1 polymer Exopolyphosphatase
2 non-polymer PYROPHOSPHATE
3 non-polymer 'MANGANESE (II) ION'
4 non-polymer 'SULFATE ION'
5 non-polymer 'PHOSPHATE ION'
#
_entity_poly.entity_id   1
_entity_poly.type   'polypeptide(L)'
_entity_poly.pdbx_seq_one_letter_code
;MGSSHHHHHHSSGLVPRGSHMRVAVADVGTNSSHLLIAEALPGDAGGFRVIDTLKDRTRLGECLDTRGELTPEGEERLAS
ALTRFRELAASAGAGDVRVYATSALREAPNGAEVAERVRQRTGLYPAVISGVREGELTYLGVREAVELGPDNVLLDLGGG
SLEFVRGAEERAADVLSLPLGAIRMTRAFPEGDGKNAGRDVADAVARQVRELLRPHAGRFAARPGTQFFLSSGTAEAAAD
AIAQRRGGRPAEAAGGVNGERFTLTELADLLAHVARLRPAQRARVPGLERRGDTILAALSVLHAALDALGAREVTVSEGA
LREGMLIEELAQVQTFSLALSTRQRSVLATAGRFGVNLSHAGQVAELSRELFDRLLAAGETFPPPARSLLTAAAVLHEAG
QIVSQSSHHKHGAYLIRHAGLRGFGPQDIELIAQIARYHRKSLPKPSHPDYVALAPADRALVARLAGILRVADGLDRAHT
GLARVDDLRRQGQGWQLRVSGVTPLDLAGVGEKGDLWAREFGPLSVQNAAEAKAT
;
_entity_poly.pdbx_strand_id   A
#
# COMPACT_ATOMS: atom_id res chain seq x y z
N SER A 19 13.82 -21.01 2.89
CA SER A 19 14.87 -21.00 3.92
C SER A 19 15.02 -19.59 4.50
N HIS A 20 14.17 -18.68 4.03
CA HIS A 20 14.27 -17.27 4.39
C HIS A 20 12.93 -16.65 4.05
N MET A 21 12.62 -15.51 4.69
CA MET A 21 11.30 -14.88 4.52
C MET A 21 10.98 -14.54 3.08
N ARG A 22 9.80 -14.95 2.63
CA ARG A 22 9.25 -14.57 1.35
C ARG A 22 8.01 -13.70 1.56
N VAL A 23 7.92 -12.56 0.86
CA VAL A 23 6.89 -11.55 1.10
C VAL A 23 6.24 -11.15 -0.22
N ALA A 24 4.93 -10.90 -0.17
CA ALA A 24 4.17 -10.49 -1.34
C ALA A 24 3.38 -9.20 -1.07
N VAL A 25 3.57 -8.20 -1.95
CA VAL A 25 2.87 -6.92 -1.96
C VAL A 25 2.39 -6.71 -3.38
N ALA A 26 1.28 -5.97 -3.54
CA ALA A 26 0.67 -5.67 -4.83
C ALA A 26 -0.01 -4.33 -4.78
N ASP A 27 -0.13 -3.65 -5.95
CA ASP A 27 -0.87 -2.39 -6.00
C ASP A 27 -1.90 -2.41 -7.13
N VAL A 28 -3.06 -1.84 -6.81
CA VAL A 28 -4.20 -1.73 -7.69
C VAL A 28 -4.33 -0.28 -8.10
N GLY A 29 -4.03 -0.01 -9.37
CA GLY A 29 -4.09 1.31 -9.93
C GLY A 29 -5.33 1.51 -10.76
N THR A 30 -5.26 2.52 -11.65
CA THR A 30 -6.38 2.86 -12.50
C THR A 30 -6.31 2.17 -13.85
N ASN A 31 -5.12 1.97 -14.39
CA ASN A 31 -4.95 1.23 -15.63
C ASN A 31 -4.64 -0.22 -15.44
N SER A 32 -3.78 -0.54 -14.49
CA SER A 32 -3.34 -1.90 -14.32
C SER A 32 -3.07 -2.13 -12.84
N SER A 33 -2.87 -3.39 -12.50
CA SER A 33 -2.48 -3.80 -11.16
C SER A 33 -1.13 -4.47 -11.29
N HIS A 34 -0.35 -4.37 -10.24
CA HIS A 34 1.04 -4.78 -10.29
C HIS A 34 1.34 -5.60 -9.04
N LEU A 35 2.08 -6.70 -9.19
CA LEU A 35 2.45 -7.53 -8.05
C LEU A 35 3.96 -7.72 -7.92
N LEU A 36 4.45 -7.73 -6.67
CA LEU A 36 5.84 -8.06 -6.40
C LEU A 36 5.97 -9.07 -5.28
N ILE A 37 6.68 -10.18 -5.56
CA ILE A 37 7.04 -11.21 -4.61
C ILE A 37 8.55 -11.23 -4.46
N ALA A 38 9.02 -11.19 -3.24
CA ALA A 38 10.44 -11.04 -2.98
C ALA A 38 10.76 -11.75 -1.68
N GLU A 39 12.07 -11.90 -1.46
CA GLU A 39 12.66 -12.57 -0.31
C GLU A 39 13.58 -11.56 0.33
N ALA A 40 13.50 -11.42 1.65
CA ALA A 40 14.32 -10.46 2.35
C ALA A 40 15.79 -10.84 2.25
N LEU A 41 16.60 -9.86 2.28
CA LEU A 41 18.01 -10.18 2.21
C LEU A 41 18.56 -10.41 3.60
N PRO A 42 19.50 -11.33 3.71
CA PRO A 42 20.05 -11.63 5.02
C PRO A 42 20.78 -10.43 5.56
N GLY A 43 20.81 -10.37 6.87
CA GLY A 43 21.44 -9.32 7.61
C GLY A 43 20.44 -8.34 8.16
N ASP A 44 19.14 -8.58 7.96
CA ASP A 44 18.08 -7.68 8.45
C ASP A 44 18.40 -6.23 8.09
N ALA A 45 18.84 -6.01 6.85
CA ALA A 45 19.30 -4.70 6.43
C ALA A 45 18.24 -3.92 5.68
N GLY A 46 17.01 -4.45 5.63
CA GLY A 46 15.89 -3.78 5.01
C GLY A 46 15.87 -3.94 3.53
N GLY A 47 16.72 -4.81 3.00
CA GLY A 47 16.82 -5.05 1.59
C GLY A 47 16.11 -6.32 1.22
N PHE A 48 15.90 -6.49 -0.08
CA PHE A 48 15.21 -7.63 -0.62
C PHE A 48 15.82 -8.04 -1.93
N ARG A 49 15.58 -9.30 -2.27
CA ARG A 49 15.91 -9.85 -3.58
C ARG A 49 14.60 -10.13 -4.31
N VAL A 50 14.52 -9.67 -5.56
CA VAL A 50 13.28 -9.87 -6.30
C VAL A 50 13.15 -11.35 -6.67
N ILE A 51 11.98 -11.93 -6.37
CA ILE A 51 11.66 -13.29 -6.77
C ILE A 51 10.79 -13.30 -8.02
N ASP A 52 9.71 -12.54 -8.03
CA ASP A 52 8.86 -12.53 -9.21
C ASP A 52 8.06 -11.22 -9.30
N THR A 53 7.67 -10.87 -10.53
CA THR A 53 6.88 -9.69 -10.78
C THR A 53 5.78 -10.04 -11.77
N LEU A 54 4.64 -9.37 -11.59
CA LEU A 54 3.47 -9.52 -12.44
C LEU A 54 2.75 -8.19 -12.63
N LYS A 55 2.18 -7.99 -13.83
CA LYS A 55 1.30 -6.86 -14.16
C LYS A 55 -0.05 -7.38 -14.62
N ASP A 56 -1.14 -6.71 -14.20
CA ASP A 56 -2.50 -7.05 -14.60
C ASP A 56 -3.27 -5.88 -15.22
N ARG A 57 -3.87 -6.09 -16.39
CA ARG A 57 -4.64 -5.03 -17.07
C ARG A 57 -6.07 -4.94 -16.54
N THR A 58 -6.19 -4.30 -15.37
CA THR A 58 -7.47 -4.26 -14.69
C THR A 58 -8.38 -3.22 -15.34
N ARG A 59 -7.79 -2.08 -15.73
CA ARG A 59 -8.45 -1.03 -16.51
C ARG A 59 -9.69 -0.55 -15.80
N LEU A 60 -9.58 -0.40 -14.49
CA LEU A 60 -10.71 0.11 -13.73
C LEU A 60 -11.13 1.48 -14.21
N GLY A 61 -10.19 2.30 -14.69
CA GLY A 61 -10.61 3.60 -15.13
C GLY A 61 -11.56 3.54 -16.31
N GLU A 62 -11.60 2.41 -17.01
CA GLU A 62 -12.58 2.19 -18.07
C GLU A 62 -13.82 1.46 -17.59
N CYS A 63 -13.91 1.19 -16.29
CA CYS A 63 -15.03 0.44 -15.73
C CYS A 63 -15.75 1.29 -14.71
N LEU A 64 -15.75 2.60 -14.94
CA LEU A 64 -16.34 3.55 -14.02
C LEU A 64 -17.54 4.15 -14.74
N ASP A 65 -18.68 4.16 -14.08
CA ASP A 65 -19.85 4.74 -14.71
C ASP A 65 -19.79 6.27 -14.66
N THR A 66 -20.91 6.86 -15.06
CA THR A 66 -21.01 8.30 -15.22
C THR A 66 -20.92 9.01 -13.86
N ARG A 67 -21.44 8.37 -12.81
CA ARG A 67 -21.40 8.87 -11.44
C ARG A 67 -20.09 8.57 -10.72
N GLY A 68 -19.12 7.99 -11.39
CA GLY A 68 -17.85 7.68 -10.76
C GLY A 68 -17.80 6.35 -10.02
N GLU A 69 -18.84 5.55 -10.07
CA GLU A 69 -18.87 4.22 -9.48
C GLU A 69 -18.16 3.17 -10.31
N LEU A 70 -17.42 2.28 -9.65
CA LEU A 70 -16.88 1.13 -10.36
C LEU A 70 -18.01 0.17 -10.74
N THR A 71 -18.08 -0.21 -11.99
CA THR A 71 -19.13 -1.10 -12.39
C THR A 71 -18.84 -2.51 -11.92
N PRO A 72 -19.85 -3.36 -11.89
CA PRO A 72 -19.64 -4.79 -11.62
C PRO A 72 -18.64 -5.44 -12.52
N GLU A 73 -18.44 -4.90 -13.71
CA GLU A 73 -17.41 -5.40 -14.60
C GLU A 73 -16.04 -5.12 -14.00
N GLY A 74 -15.85 -3.92 -13.48
CA GLY A 74 -14.62 -3.64 -12.77
C GLY A 74 -14.43 -4.52 -11.55
N GLU A 75 -15.53 -4.81 -10.84
CA GLU A 75 -15.46 -5.74 -9.71
C GLU A 75 -15.04 -7.11 -10.16
N GLU A 76 -15.56 -7.57 -11.29
CA GLU A 76 -15.13 -8.86 -11.80
C GLU A 76 -13.66 -8.81 -12.17
N ARG A 77 -13.24 -7.70 -12.79
CA ARG A 77 -11.86 -7.56 -13.22
C ARG A 77 -10.92 -7.39 -12.04
N LEU A 78 -11.34 -6.67 -10.99
CA LEU A 78 -10.53 -6.58 -9.80
C LEU A 78 -10.33 -7.93 -9.12
N ALA A 79 -11.42 -8.64 -8.88
CA ALA A 79 -11.32 -9.90 -8.17
C ALA A 79 -10.47 -10.88 -8.94
N SER A 80 -10.56 -10.86 -10.26
CA SER A 80 -9.76 -11.80 -11.04
C SER A 80 -8.30 -11.50 -10.84
N ALA A 81 -7.94 -10.23 -10.89
CA ALA A 81 -6.55 -9.86 -10.67
C ALA A 81 -6.06 -10.34 -9.32
N LEU A 82 -6.83 -10.13 -8.25
CA LEU A 82 -6.33 -10.47 -6.93
C LEU A 82 -6.25 -11.98 -6.71
N THR A 83 -7.01 -12.75 -7.44
CA THR A 83 -6.90 -14.20 -7.39
C THR A 83 -5.67 -14.67 -8.12
N ARG A 84 -5.36 -14.07 -9.28
CA ARG A 84 -4.08 -14.38 -9.93
C ARG A 84 -2.95 -14.14 -8.93
N PHE A 85 -3.01 -13.00 -8.26
CA PHE A 85 -2.01 -12.64 -7.29
C PHE A 85 -1.98 -13.67 -6.16
N ARG A 86 -3.18 -14.03 -5.67
CA ARG A 86 -3.31 -14.94 -4.52
C ARG A 86 -2.71 -16.30 -4.76
N GLU A 87 -2.84 -16.80 -5.98
CA GLU A 87 -2.31 -18.12 -6.32
C GLU A 87 -0.78 -18.12 -6.47
N LEU A 88 -0.23 -17.02 -7.02
CA LEU A 88 1.22 -16.88 -7.23
C LEU A 88 1.99 -16.77 -5.92
N ALA A 89 1.46 -16.03 -4.95
CA ALA A 89 2.11 -15.94 -3.65
C ALA A 89 2.29 -17.33 -3.07
N ALA A 90 1.23 -18.14 -3.13
CA ALA A 90 1.33 -19.50 -2.65
C ALA A 90 2.42 -20.25 -3.41
N SER A 91 2.45 -20.08 -4.75
CA SER A 91 3.47 -20.74 -5.57
C SER A 91 4.88 -20.42 -5.11
N ALA A 92 5.07 -19.33 -4.38
CA ALA A 92 6.39 -18.96 -3.89
C ALA A 92 6.47 -19.02 -2.38
N GLY A 93 5.47 -19.60 -1.71
CA GLY A 93 5.53 -19.69 -0.27
C GLY A 93 5.40 -18.35 0.38
N ALA A 94 4.90 -17.34 -0.32
CA ALA A 94 4.89 -16.00 0.24
C ALA A 94 3.77 -15.81 1.25
N GLY A 95 2.69 -16.54 1.12
CA GLY A 95 1.61 -16.37 2.06
C GLY A 95 0.73 -15.23 1.67
N ASP A 96 0.46 -14.36 2.65
CA ASP A 96 -0.48 -13.28 2.46
C ASP A 96 0.07 -12.21 1.52
N VAL A 97 -0.84 -11.59 0.78
CA VAL A 97 -0.53 -10.51 -0.13
C VAL A 97 -1.07 -9.24 0.45
N ARG A 98 -0.21 -8.27 0.68
CA ARG A 98 -0.69 -6.96 1.04
C ARG A 98 -1.10 -6.22 -0.24
N VAL A 99 -2.29 -5.60 -0.25
CA VAL A 99 -2.85 -4.95 -1.42
C VAL A 99 -3.25 -3.53 -1.02
N TYR A 100 -2.66 -2.54 -1.69
CA TYR A 100 -3.02 -1.13 -1.60
C TYR A 100 -3.74 -0.72 -2.87
N ALA A 101 -4.65 0.27 -2.77
CA ALA A 101 -5.44 0.73 -3.91
C ALA A 101 -5.37 2.24 -4.05
N THR A 102 -5.34 2.73 -5.29
CA THR A 102 -5.17 4.15 -5.57
C THR A 102 -6.42 4.70 -6.25
N SER A 103 -6.24 5.49 -7.32
CA SER A 103 -7.21 6.52 -7.65
C SER A 103 -8.58 5.94 -7.99
N ALA A 104 -8.64 4.84 -8.73
CA ALA A 104 -9.96 4.40 -9.16
C ALA A 104 -10.81 4.02 -7.97
N LEU A 105 -10.26 3.19 -7.07
CA LEU A 105 -10.97 2.80 -5.84
C LEU A 105 -11.01 3.95 -4.85
N ARG A 106 -9.93 4.72 -4.77
CA ARG A 106 -9.96 5.83 -3.84
C ARG A 106 -11.15 6.73 -4.13
N GLU A 107 -11.40 7.04 -5.43
CA GLU A 107 -12.39 8.02 -5.83
C GLU A 107 -13.76 7.47 -6.14
N ALA A 108 -13.92 6.16 -6.20
CA ALA A 108 -15.20 5.56 -6.51
C ALA A 108 -16.14 5.65 -5.30
N PRO A 109 -17.35 6.22 -5.44
CA PRO A 109 -18.28 6.25 -4.29
C PRO A 109 -18.61 4.87 -3.70
N ASN A 110 -18.58 3.82 -4.51
CA ASN A 110 -18.84 2.47 -4.07
C ASN A 110 -17.56 1.70 -3.81
N GLY A 111 -16.43 2.40 -3.63
CA GLY A 111 -15.17 1.70 -3.49
C GLY A 111 -15.12 0.73 -2.33
N ALA A 112 -15.57 1.17 -1.17
CA ALA A 112 -15.53 0.31 0.01
C ALA A 112 -16.32 -0.95 -0.22
N GLU A 113 -17.52 -0.81 -0.79
CA GLU A 113 -18.36 -1.99 -1.02
C GLU A 113 -17.68 -2.93 -2.00
N VAL A 114 -17.06 -2.38 -3.03
CA VAL A 114 -16.32 -3.20 -3.98
C VAL A 114 -15.19 -3.92 -3.28
N ALA A 115 -14.49 -3.22 -2.38
CA ALA A 115 -13.36 -3.84 -1.72
C ALA A 115 -13.80 -4.96 -0.80
N GLU A 116 -14.90 -4.73 -0.08
CA GLU A 116 -15.44 -5.71 0.84
C GLU A 116 -15.92 -6.93 0.09
N ARG A 117 -16.57 -6.71 -1.06
CA ARG A 117 -17.00 -7.82 -1.91
C ARG A 117 -15.82 -8.61 -2.44
N VAL A 118 -14.73 -7.91 -2.79
CA VAL A 118 -13.60 -8.62 -3.37
C VAL A 118 -12.92 -9.48 -2.33
N ARG A 119 -12.82 -9.00 -1.09
CA ARG A 119 -12.27 -9.84 -0.05
C ARG A 119 -13.08 -11.11 0.13
N GLN A 120 -14.41 -11.00 0.12
CA GLN A 120 -15.24 -12.16 0.31
C GLN A 120 -15.00 -13.20 -0.77
N ARG A 121 -14.70 -12.77 -1.98
CA ARG A 121 -14.52 -13.64 -3.14
C ARG A 121 -13.09 -14.12 -3.33
N THR A 122 -12.11 -13.38 -2.81
CA THR A 122 -10.73 -13.72 -3.05
C THR A 122 -9.94 -13.90 -1.78
N GLY A 123 -10.37 -13.32 -0.68
CA GLY A 123 -9.60 -13.27 0.53
C GLY A 123 -8.72 -12.05 0.63
N LEU A 124 -8.52 -11.36 -0.50
CA LEU A 124 -7.66 -10.18 -0.55
C LEU A 124 -8.50 -8.93 -0.58
N TYR A 125 -8.08 -7.92 0.17
CA TYR A 125 -8.80 -6.67 0.32
C TYR A 125 -8.00 -5.53 -0.28
N PRO A 126 -8.47 -4.85 -1.31
CA PRO A 126 -7.70 -3.70 -1.83
C PRO A 126 -7.89 -2.49 -0.95
N ALA A 127 -6.94 -2.20 -0.09
CA ALA A 127 -7.08 -1.11 0.86
C ALA A 127 -6.61 0.21 0.24
N VAL A 128 -7.53 1.18 0.17
CA VAL A 128 -7.25 2.49 -0.39
C VAL A 128 -6.28 3.29 0.49
N ILE A 129 -5.26 3.92 -0.14
CA ILE A 129 -4.37 4.87 0.53
C ILE A 129 -4.54 6.21 -0.14
N SER A 130 -4.15 7.27 0.56
CA SER A 130 -4.29 8.58 -0.04
C SER A 130 -3.23 8.75 -1.12
N GLY A 131 -3.48 9.70 -2.02
CA GLY A 131 -2.50 10.05 -3.05
C GLY A 131 -1.15 10.43 -2.48
N VAL A 132 -1.14 11.12 -1.34
CA VAL A 132 0.11 11.54 -0.71
C VAL A 132 0.95 10.33 -0.29
N ARG A 133 0.34 9.33 0.33
CA ARG A 133 1.10 8.14 0.68
C ARG A 133 1.57 7.40 -0.57
N GLU A 134 0.72 7.36 -1.60
CA GLU A 134 1.10 6.86 -2.92
C GLU A 134 2.42 7.51 -3.38
N GLY A 135 2.51 8.83 -3.31
CA GLY A 135 3.75 9.46 -3.70
C GLY A 135 4.93 9.03 -2.84
N GLU A 136 4.72 9.00 -1.52
CA GLU A 136 5.86 8.66 -0.67
C GLU A 136 6.33 7.26 -0.93
N LEU A 137 5.39 6.34 -1.10
CA LEU A 137 5.79 4.96 -1.31
C LEU A 137 6.37 4.82 -2.70
N THR A 138 5.77 5.52 -3.67
CA THR A 138 6.27 5.47 -5.03
C THR A 138 7.68 6.01 -5.08
N TYR A 139 7.92 7.10 -4.36
CA TYR A 139 9.26 7.65 -4.31
C TYR A 139 10.30 6.66 -3.75
N LEU A 140 9.95 5.92 -2.69
CA LEU A 140 10.87 4.93 -2.17
C LEU A 140 11.16 3.84 -3.19
N GLY A 141 10.15 3.41 -3.92
CA GLY A 141 10.35 2.40 -4.94
C GLY A 141 11.29 2.83 -6.04
N VAL A 142 11.10 4.05 -6.54
CA VAL A 142 12.05 4.59 -7.50
C VAL A 142 13.46 4.55 -6.94
N ARG A 143 13.61 4.92 -5.66
CA ARG A 143 14.92 4.92 -5.00
C ARG A 143 15.59 3.57 -5.08
N GLU A 144 14.84 2.49 -5.14
CA GLU A 144 15.39 1.17 -5.22
C GLU A 144 15.88 0.84 -6.61
N ALA A 145 15.48 1.63 -7.60
CA ALA A 145 15.72 1.38 -9.02
C ALA A 145 16.71 2.33 -9.64
N VAL A 146 16.81 3.58 -9.20
CA VAL A 146 17.67 4.56 -9.86
C VAL A 146 18.53 5.27 -8.82
N GLU A 147 19.45 6.09 -9.31
CA GLU A 147 20.43 6.79 -8.48
C GLU A 147 19.89 8.20 -8.17
N LEU A 148 19.46 8.45 -6.93
CA LEU A 148 18.98 9.77 -6.55
C LEU A 148 20.07 10.67 -6.01
N GLY A 149 19.86 11.97 -6.15
CA GLY A 149 20.82 12.92 -5.66
C GLY A 149 20.28 13.69 -4.49
N PRO A 150 20.98 14.75 -4.12
CA PRO A 150 20.50 15.62 -3.02
C PRO A 150 19.21 16.36 -3.27
N ASP A 151 18.75 16.51 -4.50
CA ASP A 151 17.53 17.29 -4.73
C ASP A 151 16.85 16.68 -5.95
N ASN A 152 15.71 16.00 -5.74
CA ASN A 152 15.05 15.22 -6.79
C ASN A 152 13.58 15.56 -6.86
N VAL A 153 13.04 15.72 -8.07
CA VAL A 153 11.62 15.78 -8.29
C VAL A 153 11.15 14.62 -9.16
N LEU A 154 10.17 13.86 -8.65
CA LEU A 154 9.55 12.74 -9.32
C LEU A 154 8.13 13.11 -9.71
N LEU A 155 7.79 12.81 -10.96
CA LEU A 155 6.42 12.83 -11.45
C LEU A 155 6.01 11.39 -11.70
N ASP A 156 4.89 10.99 -11.11
CA ASP A 156 4.35 9.63 -11.32
C ASP A 156 2.96 9.74 -11.98
N LEU A 157 2.91 9.44 -13.27
CA LEU A 157 1.67 9.52 -14.04
C LEU A 157 1.07 8.14 -14.18
N GLY A 158 -0.11 7.96 -13.58
CA GLY A 158 -0.88 6.76 -13.71
C GLY A 158 -2.09 6.96 -14.61
N GLY A 159 -2.97 5.97 -14.61
CA GLY A 159 -4.19 6.14 -15.37
C GLY A 159 -5.15 7.16 -14.79
N GLY A 160 -5.08 7.39 -13.47
CA GLY A 160 -6.06 8.18 -12.76
C GLY A 160 -5.61 9.51 -12.22
N SER A 161 -4.40 9.56 -11.67
CA SER A 161 -3.84 10.74 -11.02
C SER A 161 -2.40 10.93 -11.43
N LEU A 162 -1.88 12.11 -11.11
CA LEU A 162 -0.47 12.49 -11.31
C LEU A 162 0.11 12.95 -9.99
N GLU A 163 1.11 12.22 -9.47
CA GLU A 163 1.78 12.66 -8.26
C GLU A 163 3.04 13.45 -8.55
N PHE A 164 3.24 14.52 -7.80
CA PHE A 164 4.52 15.18 -7.82
C PHE A 164 5.20 14.93 -6.48
N VAL A 165 6.44 14.50 -6.49
CA VAL A 165 7.14 14.22 -5.25
C VAL A 165 8.52 14.84 -5.37
N ARG A 166 8.92 15.58 -4.32
CA ARG A 166 10.25 16.14 -4.14
C ARG A 166 10.88 15.59 -2.89
N GLY A 167 12.16 15.25 -2.98
CA GLY A 167 12.92 14.79 -1.85
C GLY A 167 14.40 14.80 -2.15
N ALA A 168 15.15 14.25 -1.20
CA ALA A 168 16.59 14.05 -1.31
C ALA A 168 16.95 12.59 -1.54
N GLU A 169 18.08 12.14 -0.97
CA GLU A 169 18.67 10.84 -1.29
C GLU A 169 18.03 9.70 -0.54
N GLU A 170 17.10 9.99 0.37
CA GLU A 170 16.55 8.94 1.18
C GLU A 170 15.01 8.89 1.22
N ARG A 171 14.33 10.03 1.13
CA ARG A 171 12.88 9.96 1.29
C ARG A 171 12.22 11.22 0.72
N ALA A 172 10.92 11.11 0.50
CA ALA A 172 10.10 12.23 0.06
C ALA A 172 9.99 13.33 1.09
N ALA A 173 10.03 14.58 0.62
CA ALA A 173 9.70 15.71 1.49
C ALA A 173 8.29 16.23 1.21
N ASP A 174 8.02 16.81 0.04
CA ASP A 174 6.74 17.44 -0.28
C ASP A 174 6.10 16.60 -1.36
N VAL A 175 4.80 16.35 -1.24
CA VAL A 175 4.08 15.52 -2.21
C VAL A 175 2.79 16.22 -2.57
N LEU A 176 2.48 16.24 -3.86
CA LEU A 176 1.23 16.76 -4.43
C LEU A 176 0.57 15.73 -5.38
N SER A 177 -0.73 15.51 -5.20
CA SER A 177 -1.45 14.58 -6.07
C SER A 177 -2.50 15.35 -6.89
N LEU A 178 -2.46 15.19 -8.23
CA LEU A 178 -3.42 15.96 -9.03
C LEU A 178 -4.28 15.10 -9.95
N PRO A 179 -5.57 15.45 -10.13
CA PRO A 179 -6.43 14.66 -11.00
C PRO A 179 -6.15 14.90 -12.46
N LEU A 180 -4.97 14.47 -12.86
CA LEU A 180 -4.47 14.66 -14.21
C LEU A 180 -4.10 13.29 -14.79
N GLY A 181 -4.75 12.24 -14.31
CA GLY A 181 -4.43 10.92 -14.80
C GLY A 181 -4.73 10.77 -16.27
N ALA A 182 -4.09 9.78 -16.87
CA ALA A 182 -4.18 9.67 -18.31
C ALA A 182 -5.57 9.24 -18.77
N ILE A 183 -6.09 8.17 -18.17
CA ILE A 183 -7.46 7.79 -18.46
C ILE A 183 -8.38 8.96 -18.20
N ARG A 184 -8.21 9.62 -17.07
CA ARG A 184 -9.12 10.69 -16.74
C ARG A 184 -9.09 11.79 -17.76
N MET A 185 -7.90 12.13 -18.24
CA MET A 185 -7.83 13.22 -19.19
C MET A 185 -8.30 12.83 -20.58
N THR A 186 -8.04 11.59 -21.01
CA THR A 186 -8.60 11.17 -22.29
C THR A 186 -10.11 11.32 -22.31
N ARG A 187 -10.79 10.90 -21.24
CA ARG A 187 -12.24 10.97 -21.26
C ARG A 187 -12.68 12.41 -21.07
N ALA A 188 -11.87 13.22 -20.40
CA ALA A 188 -12.26 14.61 -20.17
C ALA A 188 -12.14 15.49 -21.41
N PHE A 189 -11.27 15.17 -22.37
CA PHE A 189 -11.04 15.98 -23.56
C PHE A 189 -11.21 15.11 -24.79
N PRO A 190 -12.44 14.82 -25.13
CA PRO A 190 -12.75 13.94 -26.25
C PRO A 190 -12.17 14.49 -27.54
N GLU A 191 -11.65 13.61 -28.37
CA GLU A 191 -10.98 14.06 -29.57
C GLU A 191 -12.02 14.29 -30.65
N GLY A 192 -11.88 15.40 -31.37
CA GLY A 192 -12.75 15.72 -32.47
C GLY A 192 -12.42 14.99 -33.74
N ASP A 193 -13.02 15.44 -34.84
CA ASP A 193 -12.79 14.82 -36.11
C ASP A 193 -12.03 15.69 -37.07
N GLY A 194 -11.63 16.89 -36.66
CA GLY A 194 -10.89 17.74 -37.56
C GLY A 194 -9.54 17.20 -37.90
N LYS A 195 -8.89 17.91 -38.80
CA LYS A 195 -7.55 17.51 -39.17
C LYS A 195 -6.66 17.75 -37.97
N ASN A 196 -6.91 18.86 -37.26
CA ASN A 196 -6.14 19.27 -36.10
C ASN A 196 -6.81 18.87 -34.81
N ALA A 197 -7.71 17.88 -34.87
CA ALA A 197 -8.42 17.46 -33.67
C ALA A 197 -7.44 16.92 -32.64
N GLY A 198 -6.35 16.30 -33.09
CA GLY A 198 -5.39 15.83 -32.13
C GLY A 198 -4.63 16.95 -31.45
N ARG A 199 -4.14 17.91 -32.24
CA ARG A 199 -3.46 19.04 -31.64
C ARG A 199 -4.34 19.73 -30.64
N ASP A 200 -5.63 19.85 -30.96
CA ASP A 200 -6.53 20.53 -30.05
C ASP A 200 -6.65 19.78 -28.75
N VAL A 201 -6.71 18.44 -28.80
CA VAL A 201 -6.72 17.67 -27.56
C VAL A 201 -5.46 17.90 -26.74
N ALA A 202 -4.31 17.86 -27.40
CA ALA A 202 -3.06 18.03 -26.68
C ALA A 202 -2.97 19.41 -26.10
N ASP A 203 -3.45 20.40 -26.85
CA ASP A 203 -3.43 21.78 -26.39
C ASP A 203 -4.31 21.94 -25.17
N ALA A 204 -5.53 21.37 -25.24
CA ALA A 204 -6.47 21.52 -24.13
C ALA A 204 -6.01 20.79 -22.88
N VAL A 205 -5.45 19.60 -23.03
CA VAL A 205 -4.94 18.90 -21.86
C VAL A 205 -3.83 19.71 -21.21
N ALA A 206 -2.97 20.28 -22.04
CA ALA A 206 -1.88 21.05 -21.49
C ALA A 206 -2.38 22.26 -20.71
N ARG A 207 -3.48 22.89 -21.16
CA ARG A 207 -4.05 24.00 -20.40
C ARG A 207 -4.59 23.57 -19.04
N GLN A 208 -5.23 22.39 -18.96
CA GLN A 208 -5.76 21.91 -17.69
C GLN A 208 -4.64 21.67 -16.69
N VAL A 209 -3.53 21.13 -17.17
CA VAL A 209 -2.37 20.87 -16.34
C VAL A 209 -1.89 22.17 -15.72
N ARG A 210 -1.77 23.21 -16.55
CA ARG A 210 -1.27 24.46 -16.01
C ARG A 210 -2.21 25.05 -14.98
N GLU A 211 -3.51 24.98 -15.24
CA GLU A 211 -4.48 25.52 -14.29
C GLU A 211 -4.36 24.86 -12.92
N LEU A 212 -4.31 23.55 -12.88
CA LEU A 212 -4.30 22.88 -11.59
C LEU A 212 -2.93 22.90 -10.93
N LEU A 213 -1.87 23.01 -11.71
CA LEU A 213 -0.51 22.96 -11.16
C LEU A 213 -0.01 24.35 -10.79
N ARG A 214 -0.56 25.38 -11.38
CA ARG A 214 -0.06 26.73 -11.17
C ARG A 214 0.09 27.12 -9.70
N PRO A 215 -0.89 26.90 -8.82
CA PRO A 215 -0.71 27.40 -7.43
C PRO A 215 0.43 26.76 -6.63
N HIS A 216 0.88 25.57 -7.00
CA HIS A 216 1.91 24.84 -6.29
C HIS A 216 3.21 24.56 -7.03
N ALA A 217 3.38 25.00 -8.29
CA ALA A 217 4.50 24.49 -9.09
C ALA A 217 5.84 24.87 -8.50
N GLY A 218 5.93 26.01 -7.85
CA GLY A 218 7.19 26.39 -7.24
C GLY A 218 7.70 25.31 -6.29
N ARG A 219 6.80 24.58 -5.66
CA ARG A 219 7.24 23.58 -4.72
C ARG A 219 8.04 22.52 -5.47
N PHE A 220 7.77 22.37 -6.76
CA PHE A 220 8.37 21.31 -7.55
C PHE A 220 9.13 21.86 -8.75
N ALA A 221 9.34 23.17 -8.79
CA ALA A 221 10.01 23.78 -9.91
C ALA A 221 11.49 23.49 -9.84
N ALA A 222 12.11 23.41 -11.01
CA ALA A 222 13.53 23.11 -11.06
C ALA A 222 14.35 24.26 -10.48
N ARG A 223 15.38 23.90 -9.75
CA ARG A 223 16.38 24.82 -9.25
C ARG A 223 17.73 24.23 -9.66
N PRO A 224 18.81 24.98 -9.56
CA PRO A 224 20.12 24.44 -9.95
C PRO A 224 20.46 23.08 -9.39
N GLY A 225 20.65 22.08 -10.25
CA GLY A 225 21.08 20.75 -9.81
C GLY A 225 19.95 19.77 -9.61
N THR A 226 18.72 20.19 -9.82
CA THR A 226 17.59 19.30 -9.61
C THR A 226 17.58 18.21 -10.68
N GLN A 227 17.34 16.98 -10.25
CA GLN A 227 17.10 15.88 -11.16
C GLN A 227 15.61 15.51 -11.21
N PHE A 228 15.09 15.27 -12.41
CA PHE A 228 13.70 14.87 -12.59
C PHE A 228 13.59 13.40 -12.95
N PHE A 229 12.57 12.75 -12.39
CA PHE A 229 12.39 11.33 -12.64
C PHE A 229 10.94 11.05 -12.97
N LEU A 230 10.74 10.00 -13.76
CA LEU A 230 9.42 9.53 -14.14
C LEU A 230 9.27 8.05 -13.88
N SER A 231 8.10 7.64 -13.37
CA SER A 231 7.76 6.24 -13.19
C SER A 231 6.44 5.92 -13.90
N SER A 232 6.18 4.61 -13.96
CA SER A 232 4.95 3.97 -14.39
C SER A 232 4.84 3.84 -15.90
N GLY A 233 3.75 3.23 -16.35
CA GLY A 233 3.75 2.62 -17.68
C GLY A 233 3.85 3.64 -18.80
N THR A 234 3.16 4.78 -18.66
CA THR A 234 3.27 5.81 -19.68
C THR A 234 4.70 6.31 -19.79
N ALA A 235 5.31 6.65 -18.64
CA ALA A 235 6.67 7.15 -18.72
C ALA A 235 7.60 6.07 -19.29
N GLU A 236 7.40 4.83 -18.87
CA GLU A 236 8.21 3.73 -19.39
C GLU A 236 7.99 3.54 -20.87
N ALA A 237 6.73 3.67 -21.31
CA ALA A 237 6.42 3.53 -22.73
C ALA A 237 7.03 4.62 -23.57
N ALA A 238 7.04 5.85 -23.08
CA ALA A 238 7.63 6.95 -23.82
C ALA A 238 9.12 6.73 -24.07
N ALA A 239 9.83 6.23 -23.06
CA ALA A 239 11.27 6.01 -23.20
C ALA A 239 11.58 4.97 -24.26
N ASP A 240 10.80 3.88 -24.31
CA ASP A 240 11.02 2.86 -25.32
C ASP A 240 10.85 3.41 -26.73
N ALA A 241 9.79 4.19 -26.96
CA ALA A 241 9.56 4.73 -28.30
C ALA A 241 10.64 5.74 -28.68
N ILE A 242 11.12 6.51 -27.70
CA ILE A 242 12.15 7.50 -27.98
C ILE A 242 13.48 6.82 -28.31
N ALA A 243 13.84 5.78 -27.58
CA ALA A 243 15.07 5.07 -27.89
C ALA A 243 15.00 4.43 -29.27
N GLN A 244 13.83 3.89 -29.66
CA GLN A 244 13.81 3.31 -30.99
C GLN A 244 13.85 4.38 -32.06
N ARG A 245 13.42 5.60 -31.74
CA ARG A 245 13.61 6.71 -32.67
C ARG A 245 15.02 7.26 -32.68
N ARG A 246 15.77 7.13 -31.58
CA ARG A 246 17.17 7.51 -31.61
C ARG A 246 18.08 6.50 -32.26
N GLY A 247 17.54 5.40 -32.74
CA GLY A 247 18.34 4.38 -33.38
C GLY A 247 18.56 3.18 -32.50
N GLY A 248 17.89 3.12 -31.35
CA GLY A 248 18.15 2.08 -30.38
C GLY A 248 17.19 0.95 -30.64
N ARG A 249 17.40 -0.18 -29.96
CA ARG A 249 16.45 -1.28 -30.11
C ARG A 249 15.31 -1.18 -29.11
N PRO A 250 14.24 -1.95 -29.36
CA PRO A 250 13.10 -1.95 -28.43
C PRO A 250 13.57 -2.32 -27.03
N ALA A 251 12.90 -1.73 -26.02
CA ALA A 251 13.41 -1.92 -24.66
C ALA A 251 13.48 -3.38 -24.24
N GLU A 252 12.71 -4.28 -24.85
CA GLU A 252 12.79 -5.69 -24.45
C GLU A 252 14.20 -6.21 -24.64
N ALA A 253 14.82 -5.81 -25.76
CA ALA A 253 16.24 -5.87 -26.03
C ALA A 253 16.89 -4.75 -25.24
N ALA A 254 18.06 -5.03 -24.68
CA ALA A 254 18.68 -4.14 -23.69
C ALA A 254 18.12 -4.44 -22.31
N GLY A 255 17.29 -5.48 -22.20
CA GLY A 255 16.79 -5.92 -20.92
C GLY A 255 15.60 -5.10 -20.50
N GLY A 256 15.79 -3.91 -19.97
CA GLY A 256 14.62 -3.16 -19.57
C GLY A 256 14.82 -1.71 -19.92
N VAL A 257 13.92 -0.86 -19.44
CA VAL A 257 14.03 0.55 -19.76
C VAL A 257 14.48 1.35 -18.56
N ASN A 258 14.73 0.68 -17.44
CA ASN A 258 15.11 1.35 -16.22
C ASN A 258 16.34 2.21 -16.38
N GLY A 259 16.26 3.46 -15.93
CA GLY A 259 17.38 4.36 -16.01
C GLY A 259 17.69 5.03 -17.33
N GLU A 260 16.88 4.83 -18.36
CA GLU A 260 17.12 5.52 -19.60
C GLU A 260 16.80 6.99 -19.41
N ARG A 261 17.53 7.84 -20.12
CA ARG A 261 17.29 9.27 -20.11
C ARG A 261 16.82 9.71 -21.49
N PHE A 262 15.93 10.68 -21.49
CA PHE A 262 15.54 11.41 -22.68
C PHE A 262 15.33 12.87 -22.32
N THR A 263 15.35 13.72 -23.35
CA THR A 263 15.27 15.17 -23.21
C THR A 263 13.84 15.67 -23.40
N LEU A 264 13.59 16.84 -22.84
CA LEU A 264 12.27 17.41 -23.04
C LEU A 264 12.00 17.69 -24.51
N THR A 265 13.05 18.00 -25.27
CA THR A 265 12.87 18.21 -26.70
C THR A 265 12.50 16.89 -27.38
N GLU A 266 13.16 15.81 -27.03
CA GLU A 266 12.77 14.54 -27.61
C GLU A 266 11.37 14.18 -27.19
N LEU A 267 10.99 14.52 -25.96
CA LEU A 267 9.63 14.25 -25.54
C LEU A 267 8.67 15.07 -26.39
N ALA A 268 9.01 16.34 -26.60
CA ALA A 268 8.20 17.21 -27.46
C ALA A 268 8.06 16.65 -28.87
N ASP A 269 9.15 16.10 -29.42
CA ASP A 269 9.10 15.56 -30.77
C ASP A 269 8.23 14.32 -30.90
N LEU A 270 8.23 13.46 -29.89
CA LEU A 270 7.38 12.28 -29.92
C LEU A 270 5.89 12.61 -29.96
N LEU A 271 5.47 13.58 -29.16
CA LEU A 271 4.05 13.91 -29.05
C LEU A 271 3.51 14.48 -30.36
N ALA A 272 4.30 15.36 -30.99
CA ALA A 272 3.92 15.95 -32.27
C ALA A 272 3.67 14.88 -33.34
N HIS A 273 4.48 13.83 -33.35
CA HIS A 273 4.24 12.77 -34.32
C HIS A 273 2.88 12.12 -34.03
N VAL A 274 2.61 11.77 -32.76
CA VAL A 274 1.33 11.14 -32.37
C VAL A 274 0.12 12.02 -32.68
N ALA A 275 0.21 13.33 -32.44
CA ALA A 275 -0.95 14.18 -32.65
C ALA A 275 -1.36 14.21 -34.12
N ARG A 276 -0.40 14.06 -35.04
CA ARG A 276 -0.72 14.10 -36.46
C ARG A 276 -1.31 12.79 -36.90
N LEU A 277 -1.17 11.73 -36.10
CA LEU A 277 -1.68 10.47 -36.55
C LEU A 277 -3.07 10.28 -36.03
N ARG A 278 -3.84 9.49 -36.75
CA ARG A 278 -5.14 9.08 -36.27
C ARG A 278 -4.98 7.89 -35.32
N PRO A 279 -5.95 7.67 -34.46
CA PRO A 279 -5.82 6.65 -33.40
C PRO A 279 -5.45 5.23 -33.80
N ALA A 280 -5.94 4.68 -34.90
CA ALA A 280 -5.57 3.30 -35.22
C ALA A 280 -4.10 3.19 -35.57
N GLN A 281 -3.51 4.25 -36.12
CA GLN A 281 -2.09 4.27 -36.44
C GLN A 281 -1.24 4.50 -35.18
N ARG A 282 -1.82 5.11 -34.15
CA ARG A 282 -1.08 5.28 -32.91
C ARG A 282 -0.67 3.92 -32.34
N ALA A 283 -1.54 2.92 -32.46
CA ALA A 283 -1.22 1.57 -32.01
C ALA A 283 -0.03 0.99 -32.76
N ARG A 284 0.37 1.61 -33.88
CA ARG A 284 1.47 1.16 -34.71
C ARG A 284 2.75 1.98 -34.53
N VAL A 285 2.78 2.95 -33.61
CA VAL A 285 4.03 3.63 -33.26
C VAL A 285 4.95 2.69 -32.49
N PRO A 286 6.21 2.55 -32.89
CA PRO A 286 7.10 1.62 -32.21
C PRO A 286 7.24 1.99 -30.74
N GLY A 287 7.02 1.01 -29.87
CA GLY A 287 7.08 1.21 -28.42
C GLY A 287 5.80 1.63 -27.71
N LEU A 288 4.77 2.07 -28.44
CA LEU A 288 3.46 2.44 -27.90
C LEU A 288 2.36 1.46 -28.29
N GLU A 289 2.70 0.23 -28.67
CA GLU A 289 1.73 -0.64 -29.31
C GLU A 289 0.58 -1.03 -28.39
N ARG A 290 0.83 -1.11 -27.09
CA ARG A 290 -0.13 -1.59 -26.10
C ARG A 290 -0.79 -0.44 -25.35
N ARG A 291 -0.66 0.81 -25.83
CA ARG A 291 -1.15 1.94 -25.05
C ARG A 291 -1.81 3.03 -25.87
N GLY A 292 -2.25 2.71 -27.10
CA GLY A 292 -2.76 3.70 -28.03
C GLY A 292 -3.92 4.56 -27.58
N ASP A 293 -4.78 4.03 -26.72
CA ASP A 293 -6.04 4.70 -26.41
C ASP A 293 -5.90 5.93 -25.53
N THR A 294 -4.92 5.96 -24.65
CA THR A 294 -4.76 7.09 -23.75
C THR A 294 -3.50 7.89 -24.03
N ILE A 295 -2.70 7.45 -25.00
CA ILE A 295 -1.33 7.93 -25.09
C ILE A 295 -1.23 9.40 -25.49
N LEU A 296 -2.15 9.92 -26.29
CA LEU A 296 -1.99 11.30 -26.67
C LEU A 296 -2.11 12.17 -25.44
N ALA A 297 -3.19 12.01 -24.68
CA ALA A 297 -3.36 12.79 -23.45
C ALA A 297 -2.25 12.51 -22.42
N ALA A 298 -1.77 11.28 -22.34
CA ALA A 298 -0.75 11.02 -21.34
C ALA A 298 0.52 11.80 -21.64
N LEU A 299 0.93 11.80 -22.91
CA LEU A 299 2.12 12.55 -23.31
C LEU A 299 1.93 14.06 -23.20
N SER A 300 0.72 14.57 -23.42
CA SER A 300 0.51 15.99 -23.20
C SER A 300 0.71 16.32 -21.73
N VAL A 301 0.24 15.43 -20.84
CA VAL A 301 0.41 15.59 -19.40
C VAL A 301 1.88 15.66 -19.04
N LEU A 302 2.67 14.70 -19.51
CA LEU A 302 4.08 14.69 -19.13
C LEU A 302 4.79 15.97 -19.59
N HIS A 303 4.57 16.38 -20.83
CA HIS A 303 5.26 17.56 -21.34
C HIS A 303 4.88 18.82 -20.58
N ALA A 304 3.58 19.05 -20.37
CA ALA A 304 3.19 20.27 -19.71
C ALA A 304 3.74 20.33 -18.29
N ALA A 305 3.66 19.24 -17.54
CA ALA A 305 4.14 19.30 -16.17
C ALA A 305 5.66 19.46 -16.13
N LEU A 306 6.38 18.67 -16.93
CA LEU A 306 7.82 18.85 -16.86
C LEU A 306 8.20 20.23 -17.33
N ASP A 307 7.61 20.67 -18.44
CA ASP A 307 7.89 22.01 -18.93
C ASP A 307 7.51 23.07 -17.89
N ALA A 308 6.41 22.85 -17.18
CA ALA A 308 5.99 23.82 -16.20
C ALA A 308 6.94 23.86 -15.05
N LEU A 309 7.70 22.79 -14.87
CA LEU A 309 8.67 22.69 -13.81
C LEU A 309 10.06 23.11 -14.25
N GLY A 310 10.27 23.37 -15.54
CA GLY A 310 11.58 23.76 -16.04
C GLY A 310 12.55 22.64 -16.28
N ALA A 311 12.06 21.42 -16.41
CA ALA A 311 12.91 20.27 -16.70
C ALA A 311 13.46 20.28 -18.13
N ARG A 312 14.71 19.85 -18.29
CA ARG A 312 15.25 19.72 -19.63
C ARG A 312 15.48 18.27 -20.02
N GLU A 313 15.65 17.36 -19.04
CA GLU A 313 16.00 15.98 -19.32
C GLU A 313 15.48 15.15 -18.13
N VAL A 314 15.03 13.91 -18.38
CA VAL A 314 14.55 13.02 -17.30
C VAL A 314 15.17 11.63 -17.34
N THR A 315 15.06 10.92 -16.21
CA THR A 315 15.32 9.48 -16.10
C THR A 315 14.08 8.68 -15.68
N VAL A 316 13.84 7.54 -16.39
CA VAL A 316 12.70 6.65 -16.15
C VAL A 316 13.09 5.55 -15.19
N SER A 317 12.15 5.17 -14.33
CA SER A 317 12.34 4.19 -13.26
C SER A 317 11.34 3.08 -13.47
N GLU A 318 11.81 1.84 -13.39
CA GLU A 318 10.87 0.75 -13.43
C GLU A 318 10.31 0.47 -12.06
N GLY A 319 10.93 1.06 -11.04
CA GLY A 319 10.42 1.01 -9.70
C GLY A 319 9.26 1.95 -9.49
N ALA A 320 8.33 1.51 -8.66
CA ALA A 320 7.16 2.34 -8.39
C ALA A 320 6.54 2.00 -7.04
N LEU A 321 5.21 2.05 -6.95
CA LEU A 321 4.51 1.95 -5.66
C LEU A 321 4.87 0.66 -4.91
N ARG A 322 4.83 -0.49 -5.62
CA ARG A 322 4.99 -1.79 -4.99
C ARG A 322 6.37 -2.01 -4.37
N GLU A 323 7.41 -1.47 -4.97
CA GLU A 323 8.73 -1.58 -4.35
C GLU A 323 8.81 -0.80 -3.04
N GLY A 324 8.14 0.36 -2.98
CA GLY A 324 8.07 1.12 -1.75
C GLY A 324 7.37 0.36 -0.64
N MET A 325 6.23 -0.28 -0.98
CA MET A 325 5.55 -1.12 -0.01
C MET A 325 6.50 -2.18 0.55
N LEU A 326 7.34 -2.75 -0.31
CA LEU A 326 8.21 -3.80 0.18
C LEU A 326 9.18 -3.22 1.19
N ILE A 327 9.82 -2.12 0.85
CA ILE A 327 10.76 -1.48 1.76
C ILE A 327 10.09 -1.15 3.09
N GLU A 328 8.92 -0.50 3.05
CA GLU A 328 8.24 -0.08 4.27
C GLU A 328 7.84 -1.24 5.17
N GLU A 329 7.46 -2.35 4.59
CA GLU A 329 7.04 -3.44 5.44
C GLU A 329 8.26 -4.03 6.14
N LEU A 330 9.34 -4.24 5.38
CA LEU A 330 10.59 -4.70 5.96
C LEU A 330 11.06 -3.74 7.03
N ALA A 331 10.94 -2.45 6.77
CA ALA A 331 11.33 -1.47 7.78
C ALA A 331 10.48 -1.65 9.03
N GLN A 332 9.18 -1.80 8.84
CA GLN A 332 8.31 -1.96 10.00
C GLN A 332 8.66 -3.24 10.77
N VAL A 333 8.81 -4.36 10.07
CA VAL A 333 9.10 -5.62 10.75
C VAL A 333 10.44 -5.55 11.48
N GLN A 334 11.50 -5.17 10.77
CA GLN A 334 12.83 -5.21 11.37
C GLN A 334 12.99 -4.15 12.46
N THR A 335 12.31 -3.01 12.35
CA THR A 335 12.33 -2.03 13.43
C THR A 335 11.66 -2.60 14.68
N PHE A 336 10.51 -3.25 14.50
CA PHE A 336 9.83 -3.95 15.59
C PHE A 336 10.75 -4.95 16.27
N SER A 337 11.43 -5.79 15.46
CA SER A 337 12.26 -6.86 15.99
C SER A 337 13.36 -6.31 16.91
N LEU A 338 13.92 -5.15 16.62
CA LEU A 338 15.05 -4.70 17.42
C LEU A 338 14.64 -4.43 18.85
N ALA A 339 13.47 -3.82 19.02
CA ALA A 339 13.05 -3.42 20.36
C ALA A 339 12.40 -4.54 21.17
N LEU A 340 12.74 -5.80 20.91
CA LEU A 340 12.16 -6.87 21.71
C LEU A 340 13.30 -7.53 22.45
N SER A 341 12.98 -8.06 23.63
CA SER A 341 13.91 -8.86 24.40
C SER A 341 14.22 -10.17 23.69
N THR A 342 15.37 -10.75 24.07
CA THR A 342 15.75 -12.06 23.58
C THR A 342 14.58 -13.05 23.73
N ARG A 343 13.91 -13.03 24.89
CA ARG A 343 12.79 -13.94 25.06
C ARG A 343 11.73 -13.59 24.04
N GLN A 344 11.46 -12.29 23.89
CA GLN A 344 10.43 -11.85 22.95
C GLN A 344 10.89 -12.04 21.52
N ARG A 345 12.21 -11.98 21.27
CA ARG A 345 12.71 -12.27 19.94
C ARG A 345 12.49 -13.73 19.59
N SER A 346 12.60 -14.61 20.58
CA SER A 346 12.34 -16.03 20.37
C SER A 346 10.86 -16.29 20.10
N VAL A 347 9.97 -15.44 20.63
CA VAL A 347 8.55 -15.53 20.32
C VAL A 347 8.29 -15.29 18.83
N LEU A 348 8.92 -14.26 18.29
CA LEU A 348 8.70 -13.96 16.89
C LEU A 348 9.19 -15.08 15.98
N ALA A 349 10.36 -15.66 16.31
CA ALA A 349 10.87 -16.78 15.53
C ALA A 349 9.98 -18.01 15.64
N THR A 350 9.48 -18.29 16.83
CA THR A 350 8.56 -19.41 16.97
C THR A 350 7.31 -19.17 16.14
N ALA A 351 6.76 -17.96 16.23
CA ALA A 351 5.61 -17.64 15.42
C ALA A 351 5.99 -17.83 13.97
N GLY A 352 7.20 -17.44 13.63
CA GLY A 352 7.69 -17.69 12.30
C GLY A 352 7.72 -19.17 11.99
N ARG A 353 8.16 -20.00 12.95
CA ARG A 353 8.15 -21.44 12.70
C ARG A 353 6.74 -21.96 12.55
N PHE A 354 5.75 -21.27 13.13
CA PHE A 354 4.34 -21.60 12.90
C PHE A 354 3.78 -21.02 11.61
N GLY A 355 4.60 -20.37 10.79
CA GLY A 355 4.06 -19.92 9.53
C GLY A 355 3.10 -18.77 9.69
N VAL A 356 3.32 -17.90 10.68
CA VAL A 356 2.45 -16.75 10.89
C VAL A 356 2.98 -15.52 10.15
N ASN A 357 2.10 -14.55 9.96
CA ASN A 357 2.45 -13.32 9.28
C ASN A 357 3.11 -12.38 10.29
N LEU A 358 4.40 -12.15 10.15
CA LEU A 358 5.12 -11.37 11.15
C LEU A 358 4.76 -9.89 11.12
N SER A 359 4.43 -9.36 9.94
CA SER A 359 4.01 -7.96 9.85
C SER A 359 2.72 -7.77 10.61
N HIS A 360 1.80 -8.72 10.44
CA HIS A 360 0.55 -8.65 11.17
C HIS A 360 0.81 -8.80 12.67
N ALA A 361 1.69 -9.74 13.01
CA ALA A 361 2.00 -9.99 14.41
C ALA A 361 2.69 -8.78 15.01
N GLY A 362 3.63 -8.19 14.30
CA GLY A 362 4.28 -7.01 14.83
C GLY A 362 3.37 -5.81 15.04
N GLN A 363 2.50 -5.54 14.06
CA GLN A 363 1.56 -4.42 14.20
C GLN A 363 0.57 -4.65 15.34
N VAL A 364 0.04 -5.87 15.45
CA VAL A 364 -0.92 -6.13 16.52
C VAL A 364 -0.24 -5.98 17.87
N ALA A 365 1.00 -6.40 17.96
CA ALA A 365 1.68 -6.26 19.22
C ALA A 365 1.98 -4.80 19.53
N GLU A 366 2.35 -4.02 18.52
CA GLU A 366 2.62 -2.60 18.77
C GLU A 366 1.37 -1.85 19.19
N LEU A 367 0.24 -2.10 18.51
CA LEU A 367 -1.02 -1.49 18.90
C LEU A 367 -1.48 -1.95 20.27
N SER A 368 -1.26 -3.23 20.58
CA SER A 368 -1.67 -3.71 21.89
C SER A 368 -0.93 -2.96 22.98
N ARG A 369 0.38 -2.77 22.79
CA ARG A 369 1.14 -1.99 23.77
C ARG A 369 0.61 -0.58 23.81
N GLU A 370 0.28 -0.02 22.64
CA GLU A 370 -0.22 1.34 22.60
C GLU A 370 -1.48 1.45 23.44
N LEU A 371 -2.46 0.54 23.23
CA LEU A 371 -3.69 0.54 24.04
C LEU A 371 -3.40 0.25 25.52
N PHE A 372 -2.53 -0.73 25.79
CA PHE A 372 -2.20 -1.05 27.18
C PHE A 372 -1.66 0.17 27.88
N ASP A 373 -0.77 0.90 27.24
CA ASP A 373 -0.12 2.02 27.88
C ASP A 373 -1.08 3.16 28.16
N ARG A 374 -2.05 3.38 27.29
CA ARG A 374 -3.00 4.45 27.56
C ARG A 374 -3.89 4.07 28.75
N LEU A 375 -4.34 2.82 28.78
CA LEU A 375 -5.10 2.36 29.93
C LEU A 375 -4.30 2.52 31.22
N LEU A 376 -3.00 2.16 31.21
CA LEU A 376 -2.13 2.32 32.37
C LEU A 376 -2.01 3.76 32.81
N ALA A 377 -1.86 4.67 31.85
CA ALA A 377 -1.74 6.09 32.17
C ALA A 377 -3.01 6.63 32.81
N ALA A 378 -4.17 6.09 32.42
CA ALA A 378 -5.47 6.48 32.92
C ALA A 378 -5.86 5.83 34.23
N GLY A 379 -4.96 5.13 34.92
CA GLY A 379 -5.25 4.64 36.25
C GLY A 379 -5.76 3.23 36.36
N GLU A 380 -5.73 2.48 35.27
CA GLU A 380 -6.01 1.05 35.33
C GLU A 380 -4.93 0.32 36.10
N THR A 381 -5.30 -0.72 36.83
CA THR A 381 -4.29 -1.44 37.58
C THR A 381 -4.09 -2.76 36.84
N PHE A 382 -2.84 -3.13 36.62
CA PHE A 382 -2.42 -4.38 35.99
C PHE A 382 -1.23 -4.96 36.71
N PRO A 383 -1.08 -6.28 36.72
CA PRO A 383 0.08 -6.89 37.38
C PRO A 383 1.36 -6.70 36.58
N PRO A 384 2.53 -6.96 37.19
CA PRO A 384 3.81 -6.62 36.55
C PRO A 384 4.03 -7.35 35.22
N PRO A 385 3.80 -8.66 35.15
CA PRO A 385 4.09 -9.38 33.90
C PRO A 385 3.01 -9.25 32.83
N ALA A 386 2.03 -8.38 33.05
CA ALA A 386 0.89 -8.32 32.13
C ALA A 386 1.33 -7.91 30.74
N ARG A 387 2.21 -6.91 30.65
CA ARG A 387 2.64 -6.39 29.36
C ARG A 387 3.40 -7.46 28.58
N SER A 388 4.28 -8.19 29.27
CA SER A 388 5.00 -9.27 28.61
C SER A 388 4.06 -10.34 28.04
N LEU A 389 3.06 -10.75 28.84
CA LEU A 389 2.14 -11.77 28.36
C LEU A 389 1.37 -11.29 27.13
N LEU A 390 0.91 -10.04 27.18
CA LEU A 390 0.15 -9.51 26.06
C LEU A 390 0.98 -9.46 24.79
N THR A 391 2.25 -9.06 24.92
CA THR A 391 3.12 -8.97 23.75
C THR A 391 3.26 -10.31 23.05
N ALA A 392 3.54 -11.35 23.82
CA ALA A 392 3.73 -12.67 23.25
C ALA A 392 2.44 -13.21 22.65
N ALA A 393 1.31 -13.05 23.35
CA ALA A 393 0.04 -13.54 22.81
C ALA A 393 -0.37 -12.74 21.59
N ALA A 394 0.02 -11.47 21.53
CA ALA A 394 -0.28 -10.72 20.34
C ALA A 394 0.49 -11.31 19.18
N VAL A 395 1.73 -11.72 19.44
CA VAL A 395 2.55 -12.27 18.38
C VAL A 395 2.07 -13.66 18.02
N LEU A 396 1.53 -14.36 18.99
CA LEU A 396 1.11 -15.73 18.80
C LEU A 396 -0.36 -15.91 18.50
N HIS A 397 -1.12 -14.83 18.32
CA HIS A 397 -2.57 -14.93 18.29
C HIS A 397 -3.02 -15.75 17.09
N GLU A 398 -2.21 -15.82 16.04
CA GLU A 398 -2.56 -16.58 14.84
C GLU A 398 -1.80 -17.88 14.72
N ALA A 399 -1.36 -18.48 15.82
CA ALA A 399 -0.72 -19.79 15.74
C ALA A 399 -1.81 -20.85 15.87
N GLY A 400 -2.05 -21.57 14.77
CA GLY A 400 -3.06 -22.63 14.76
C GLY A 400 -2.68 -23.88 15.53
N GLN A 401 -1.39 -24.17 15.64
CA GLN A 401 -0.92 -25.40 16.30
C GLN A 401 -1.24 -25.40 17.79
N ILE A 402 -0.97 -24.30 18.49
CA ILE A 402 -1.30 -24.21 19.92
C ILE A 402 -2.68 -23.55 20.00
N VAL A 403 -3.71 -24.36 19.76
CA VAL A 403 -5.12 -23.93 19.68
C VAL A 403 -5.31 -22.61 18.91
N ARG A 422 10.31 -20.84 25.83
CA ARG A 422 11.57 -20.31 25.31
C ARG A 422 12.15 -19.15 26.15
N GLY A 423 11.72 -19.05 27.41
CA GLY A 423 12.08 -17.89 28.21
C GLY A 423 11.01 -17.32 29.12
N PHE A 424 9.84 -17.98 29.18
CA PHE A 424 8.67 -17.62 30.01
C PHE A 424 8.30 -18.78 30.94
N GLY A 425 8.04 -18.51 32.23
CA GLY A 425 7.61 -19.57 33.13
C GLY A 425 6.20 -20.14 32.91
N PRO A 426 5.97 -21.36 33.43
CA PRO A 426 4.71 -22.09 33.08
C PRO A 426 3.38 -21.46 33.44
N GLN A 427 3.27 -20.70 34.53
CA GLN A 427 2.01 -20.00 34.76
C GLN A 427 1.85 -18.99 33.65
N ASP A 428 2.92 -18.24 33.40
CA ASP A 428 2.88 -17.22 32.36
C ASP A 428 2.57 -17.79 30.97
N ILE A 429 3.08 -18.98 30.63
CA ILE A 429 2.78 -19.46 29.28
C ILE A 429 1.35 -19.96 29.20
N GLU A 430 0.83 -20.55 30.28
CA GLU A 430 -0.59 -20.91 30.29
C GLU A 430 -1.43 -19.65 30.19
N LEU A 431 -1.03 -18.60 30.90
CA LEU A 431 -1.77 -17.36 30.76
C LEU A 431 -1.70 -16.88 29.32
N ILE A 432 -0.52 -16.91 28.71
CA ILE A 432 -0.38 -16.44 27.34
C ILE A 432 -1.24 -17.25 26.40
N ALA A 433 -1.21 -18.58 26.55
CA ALA A 433 -2.00 -19.39 25.65
C ALA A 433 -3.48 -19.11 25.85
N GLN A 434 -3.87 -18.87 27.09
CA GLN A 434 -5.27 -18.60 27.38
C GLN A 434 -5.66 -17.21 26.95
N ILE A 435 -4.72 -16.27 26.95
CA ILE A 435 -5.00 -14.96 26.38
C ILE A 435 -5.07 -15.09 24.86
N ALA A 436 -4.17 -15.86 24.26
CA ALA A 436 -4.09 -15.97 22.82
C ALA A 436 -5.30 -16.67 22.17
N ARG A 437 -5.96 -17.61 22.86
CA ARG A 437 -7.06 -18.36 22.26
C ARG A 437 -8.35 -18.11 23.02
N TYR A 438 -8.52 -16.89 23.53
CA TYR A 438 -9.66 -16.57 24.37
C TYR A 438 -10.97 -16.67 23.58
N HIS A 439 -11.99 -17.19 24.24
CA HIS A 439 -13.36 -17.22 23.79
C HIS A 439 -14.27 -17.15 25.00
N ARG A 440 -15.49 -16.66 24.79
CA ARG A 440 -16.43 -16.64 25.90
C ARG A 440 -16.77 -18.07 26.30
N LYS A 441 -17.00 -18.94 25.32
CA LYS A 441 -17.13 -20.36 25.55
C LYS A 441 -15.74 -21.00 25.48
N SER A 442 -15.25 -21.47 26.64
CA SER A 442 -13.96 -22.19 26.72
C SER A 442 -14.02 -23.48 25.93
N LEU A 443 -13.02 -23.69 25.07
CA LEU A 443 -12.91 -24.87 24.22
C LEU A 443 -13.13 -26.15 25.02
N PRO A 444 -12.41 -26.42 26.12
CA PRO A 444 -12.80 -27.57 26.95
C PRO A 444 -13.93 -27.14 27.91
N LYS A 445 -15.06 -27.84 27.92
CA LYS A 445 -16.11 -27.41 28.86
C LYS A 445 -15.67 -27.62 30.31
N PRO A 446 -16.14 -26.75 31.23
CA PRO A 446 -15.68 -26.83 32.63
C PRO A 446 -15.87 -28.16 33.35
N SER A 447 -16.86 -28.97 33.03
CA SER A 447 -16.91 -30.24 33.73
C SER A 447 -16.04 -31.27 33.05
N HIS A 448 -15.65 -30.98 31.81
CA HIS A 448 -14.88 -31.88 30.97
C HIS A 448 -13.42 -31.97 31.48
N PRO A 449 -12.84 -33.18 31.54
CA PRO A 449 -11.44 -33.34 31.96
C PRO A 449 -10.45 -32.51 31.17
N ASP A 450 -9.38 -32.07 31.86
CA ASP A 450 -8.31 -31.22 31.35
C ASP A 450 -8.69 -29.76 31.30
N TYR A 451 -9.90 -29.39 31.71
CA TYR A 451 -10.23 -27.99 31.80
C TYR A 451 -9.17 -27.31 32.65
N VAL A 452 -8.60 -26.23 32.12
CA VAL A 452 -7.49 -25.55 32.77
C VAL A 452 -8.04 -24.30 33.44
N ALA A 453 -8.13 -24.36 34.75
CA ALA A 453 -8.70 -23.29 35.55
C ALA A 453 -7.60 -22.52 36.25
N LEU A 454 -7.31 -21.34 35.76
CA LEU A 454 -6.32 -20.50 36.41
C LEU A 454 -6.93 -19.92 37.68
N ALA A 455 -6.06 -19.45 38.57
CA ALA A 455 -6.55 -18.83 39.79
C ALA A 455 -7.44 -17.65 39.44
N PRO A 456 -8.32 -17.24 40.35
CA PRO A 456 -9.24 -16.15 40.03
C PRO A 456 -8.56 -14.89 39.48
N ALA A 457 -7.47 -14.47 40.10
CA ALA A 457 -6.78 -13.30 39.59
C ALA A 457 -6.26 -13.54 38.18
N ASP A 458 -5.88 -14.78 37.88
CA ASP A 458 -5.37 -15.04 36.54
C ASP A 458 -6.51 -15.11 35.53
N ARG A 459 -7.65 -15.68 35.93
CA ARG A 459 -8.82 -15.62 35.06
C ARG A 459 -9.15 -14.18 34.73
N ALA A 460 -9.14 -13.29 35.73
CA ALA A 460 -9.42 -11.88 35.50
C ALA A 460 -8.38 -11.25 34.58
N LEU A 461 -7.11 -11.61 34.77
CA LEU A 461 -6.06 -11.01 33.97
C LEU A 461 -6.23 -11.41 32.53
N VAL A 462 -6.55 -12.68 32.29
CA VAL A 462 -6.69 -13.15 30.92
C VAL A 462 -7.74 -12.33 30.20
N ALA A 463 -8.87 -12.09 30.87
CA ALA A 463 -9.95 -11.38 30.20
C ALA A 463 -9.59 -9.93 29.92
N ARG A 464 -8.94 -9.25 30.86
CA ARG A 464 -8.58 -7.87 30.59
C ARG A 464 -7.57 -7.77 29.45
N LEU A 465 -6.51 -8.57 29.51
CA LEU A 465 -5.52 -8.52 28.44
C LEU A 465 -6.07 -9.02 27.11
N ALA A 466 -6.93 -10.03 27.12
CA ALA A 466 -7.54 -10.47 25.87
C ALA A 466 -8.41 -9.40 25.23
N GLY A 467 -9.10 -8.60 26.05
CA GLY A 467 -9.93 -7.52 25.51
C GLY A 467 -9.13 -6.46 24.81
N ILE A 468 -7.92 -6.20 25.29
CA ILE A 468 -7.03 -5.25 24.66
C ILE A 468 -6.58 -5.83 23.34
N LEU A 469 -6.23 -7.11 23.34
CA LEU A 469 -5.70 -7.76 22.16
C LEU A 469 -6.73 -7.80 21.02
N ARG A 470 -8.02 -7.92 21.34
CA ARG A 470 -9.01 -7.95 20.27
C ARG A 470 -9.13 -6.63 19.52
N VAL A 471 -9.02 -5.50 20.21
CA VAL A 471 -9.13 -4.22 19.53
C VAL A 471 -7.93 -4.00 18.61
N ALA A 472 -6.73 -4.32 19.10
CA ALA A 472 -5.55 -4.20 18.26
C ALA A 472 -5.64 -5.11 17.04
N ASP A 473 -6.10 -6.36 17.22
CA ASP A 473 -6.22 -7.20 16.04
C ASP A 473 -7.19 -6.60 15.06
N GLY A 474 -8.28 -6.05 15.57
CA GLY A 474 -9.18 -5.38 14.68
C GLY A 474 -8.57 -4.20 13.99
N LEU A 475 -7.62 -3.53 14.64
CA LEU A 475 -7.04 -2.35 14.01
C LEU A 475 -6.04 -2.66 12.91
N ASP A 476 -5.61 -3.89 12.77
CA ASP A 476 -4.80 -4.25 11.63
C ASP A 476 -5.50 -5.36 10.89
N ARG A 477 -6.82 -5.37 10.96
CA ARG A 477 -7.57 -6.41 10.28
C ARG A 477 -7.21 -6.43 8.82
N ALA A 478 -7.03 -5.27 8.22
CA ALA A 478 -6.67 -5.16 6.82
C ALA A 478 -5.22 -5.44 6.52
N HIS A 479 -4.37 -5.70 7.52
CA HIS A 479 -2.99 -6.06 7.23
C HIS A 479 -2.27 -4.94 6.49
N THR A 480 -2.61 -3.69 6.80
CA THR A 480 -1.91 -2.61 6.13
C THR A 480 -0.66 -2.21 6.89
N GLY A 481 -0.60 -2.55 8.17
CA GLY A 481 0.48 -2.09 8.99
C GLY A 481 0.42 -0.61 9.27
N LEU A 482 -0.69 0.06 8.92
CA LEU A 482 -0.68 1.51 8.92
C LEU A 482 -1.38 2.11 10.13
N ALA A 483 -2.20 1.36 10.84
CA ALA A 483 -2.94 1.91 11.97
C ALA A 483 -2.02 2.35 13.11
N ARG A 484 -2.43 3.40 13.83
CA ARG A 484 -1.75 3.94 15.02
C ARG A 484 -2.80 4.44 16.00
N VAL A 485 -2.55 4.28 17.31
CA VAL A 485 -3.49 4.83 18.30
C VAL A 485 -3.08 6.27 18.57
N ASP A 486 -4.01 7.21 18.35
CA ASP A 486 -3.69 8.65 18.51
C ASP A 486 -4.12 9.13 19.90
N ASP A 487 -5.35 8.80 20.33
CA ASP A 487 -5.85 9.28 21.64
C ASP A 487 -6.90 8.30 22.19
N LEU A 488 -6.74 7.88 23.44
CA LEU A 488 -7.66 6.99 24.07
C LEU A 488 -7.95 7.64 25.38
N ARG A 489 -9.21 7.95 25.56
CA ARG A 489 -9.65 8.79 26.62
C ARG A 489 -10.89 8.16 27.23
N ARG A 490 -11.04 8.39 28.53
CA ARG A 490 -12.28 8.02 29.19
C ARG A 490 -13.41 8.94 28.72
N GLN A 491 -14.61 8.39 28.57
CA GLN A 491 -15.78 9.19 28.21
C GLN A 491 -16.91 8.64 29.07
N GLY A 492 -17.10 9.23 30.25
CA GLY A 492 -18.01 8.60 31.21
C GLY A 492 -17.47 7.27 31.70
N GLN A 493 -18.33 6.26 31.82
CA GLN A 493 -17.85 4.94 32.18
C GLN A 493 -17.23 4.18 31.00
N GLY A 494 -17.05 4.81 29.86
CA GLY A 494 -16.46 4.16 28.70
C GLY A 494 -15.17 4.77 28.19
N TRP A 495 -14.88 4.58 26.91
CA TRP A 495 -13.63 5.07 26.38
C TRP A 495 -13.92 5.58 24.98
N GLN A 496 -13.05 6.45 24.51
CA GLN A 496 -13.15 6.99 23.17
C GLN A 496 -11.77 6.83 22.59
N LEU A 497 -11.68 6.13 21.46
CA LEU A 497 -10.40 5.80 20.89
C LEU A 497 -10.28 6.52 19.58
N ARG A 498 -9.19 7.25 19.42
CA ARG A 498 -8.94 7.94 18.18
C ARG A 498 -7.77 7.24 17.53
N VAL A 499 -8.00 6.84 16.30
CA VAL A 499 -7.08 6.04 15.53
C VAL A 499 -6.91 6.69 14.17
N SER A 500 -5.75 6.51 13.58
CA SER A 500 -5.50 6.93 12.23
C SER A 500 -4.98 5.74 11.47
N GLY A 501 -4.95 5.88 10.15
CA GLY A 501 -4.50 4.78 9.34
C GLY A 501 -5.42 3.60 9.34
N VAL A 502 -6.70 3.82 9.51
CA VAL A 502 -7.58 2.67 9.58
C VAL A 502 -8.38 2.68 8.28
N THR A 503 -8.67 1.50 7.80
CA THR A 503 -9.55 1.29 6.69
C THR A 503 -10.96 1.07 7.21
N PRO A 504 -11.97 1.17 6.35
CA PRO A 504 -13.28 0.76 6.81
C PRO A 504 -13.29 -0.66 7.37
N LEU A 505 -12.52 -1.58 6.79
CA LEU A 505 -12.48 -2.93 7.33
C LEU A 505 -11.87 -2.96 8.72
N ASP A 506 -10.83 -2.14 8.94
CA ASP A 506 -10.27 -2.10 10.27
C ASP A 506 -11.29 -1.54 11.24
N LEU A 507 -11.93 -0.41 10.88
CA LEU A 507 -12.88 0.22 11.79
C LEU A 507 -14.06 -0.69 12.10
N ALA A 508 -14.55 -1.44 11.11
CA ALA A 508 -15.64 -2.36 11.42
C ALA A 508 -15.13 -3.53 12.26
N GLY A 509 -13.89 -3.97 12.01
CA GLY A 509 -13.32 -5.04 12.81
C GLY A 509 -13.24 -4.67 14.28
N VAL A 510 -12.84 -3.42 14.56
CA VAL A 510 -12.72 -2.96 15.94
C VAL A 510 -14.09 -2.93 16.57
N GLY A 511 -15.08 -2.47 15.83
CA GLY A 511 -16.44 -2.51 16.32
C GLY A 511 -16.86 -3.92 16.68
N GLU A 512 -16.48 -4.90 15.86
CA GLU A 512 -16.91 -6.28 16.07
C GLU A 512 -16.20 -6.99 17.24
N LYS A 513 -14.92 -6.71 17.50
CA LYS A 513 -14.14 -7.50 18.47
C LYS A 513 -13.97 -6.84 19.84
N GLY A 514 -14.51 -5.64 20.03
CA GLY A 514 -14.40 -4.98 21.30
C GLY A 514 -15.43 -5.37 22.31
N ASP A 515 -16.21 -6.40 22.02
CA ASP A 515 -17.21 -6.80 22.99
C ASP A 515 -16.56 -7.17 24.32
N LEU A 516 -15.43 -7.87 24.29
CA LEU A 516 -14.77 -8.22 25.54
C LEU A 516 -14.22 -6.98 26.25
N TRP A 517 -13.62 -6.05 25.49
CA TRP A 517 -13.20 -4.76 26.03
C TRP A 517 -14.34 -4.14 26.81
N ALA A 518 -15.52 -4.12 26.22
CA ALA A 518 -16.69 -3.54 26.87
C ALA A 518 -17.02 -4.23 28.19
N ARG A 519 -16.90 -5.57 28.25
CA ARG A 519 -17.20 -6.27 29.50
C ARG A 519 -16.16 -5.97 30.59
N GLU A 520 -14.94 -5.60 30.21
CA GLU A 520 -13.91 -5.39 31.23
C GLU A 520 -13.60 -3.92 31.45
N PHE A 521 -13.62 -3.11 30.41
CA PHE A 521 -13.28 -1.72 30.54
C PHE A 521 -14.42 -0.74 30.31
N GLY A 522 -15.53 -1.18 29.73
CA GLY A 522 -16.57 -0.22 29.42
C GLY A 522 -16.70 0.14 27.95
N PRO A 523 -17.82 0.76 27.61
CA PRO A 523 -18.10 1.10 26.21
C PRO A 523 -16.95 1.86 25.56
N LEU A 524 -16.68 1.53 24.31
CA LEU A 524 -15.58 2.14 23.58
C LEU A 524 -16.16 2.77 22.32
N SER A 525 -15.94 4.04 22.11
CA SER A 525 -16.31 4.60 20.83
C SER A 525 -15.04 4.91 20.09
N VAL A 526 -15.02 4.59 18.85
CA VAL A 526 -13.80 4.78 18.12
C VAL A 526 -14.14 5.87 17.15
N GLN A 527 -13.15 6.65 16.82
CA GLN A 527 -13.41 7.79 16.00
C GLN A 527 -12.31 8.02 15.01
N ASN A 528 -12.72 8.60 13.89
CA ASN A 528 -11.82 9.02 12.84
C ASN A 528 -11.16 7.82 12.19
#